data_9K7H
#
_entry.id   9K7H
#
_cell.length_a   47.175
_cell.length_b   48.505
_cell.length_c   75.897
_cell.angle_alpha   90.00
_cell.angle_beta   93.79
_cell.angle_gamma   90.00
#
_symmetry.space_group_name_H-M   'P 1 21 1'
#
loop_
_entity.id
_entity.type
_entity.pdbx_description
1 polymer '2-nitropropane dioxygenase'
2 non-polymer 'FLAVIN MONONUCLEOTIDE'
3 non-polymer 'IRON/SULFUR CLUSTER'
4 non-polymer '3-[[2-[(2,4-dichlorophenyl)amino]pyridin-3-yl]sulfonylamino]benzoic acid'
5 water water
#
_entity_poly.entity_id   1
_entity_poly.type   'polypeptide(L)'
_entity_poly.pdbx_seq_one_letter_code
;EHHHHHHHMVSTLKPLKIGKHTIKFPIFQGGMGVGISWDELAGNVAKEGALGVISAVGTGYYKNMRFVERIVAKKPFEAL
NFYSKKALNEIFANARKICGNNPLGANILYAINDYGRVLRDSCEAGANIIITGAGLPTNMPEFAKDFSDVALIPIISSAK
ALKILCKRWSDRYKRIPDAFIVEGPLSGGHQGFKYEDCFKEEFRLENLVPKVVEASKEWGNIPIIAAGGIWDRKDIDTML
SLGASGVQMATRFLGTKECDAKVYADLLPTLKKEDILLIKSPVGYPARAINTGVIKRIEEGNAPKIACVSNCVAPCNRGE
EAKKVGYCIADGLGRSYLGNREEGLYFTGANGYRVDKIISVHELIKELTEG
;
_entity_poly.pdbx_strand_id   A
#
# COMPACT_ATOMS: atom_id res chain seq x y z
N GLU A 1 19.75 -24.35 -10.41
CA GLU A 1 18.40 -24.66 -9.94
C GLU A 1 17.53 -23.43 -9.80
N HIS A 2 16.78 -23.13 -10.87
CA HIS A 2 15.92 -21.95 -10.93
C HIS A 2 14.51 -22.38 -11.29
N HIS A 3 13.54 -21.98 -10.49
CA HIS A 3 12.14 -22.24 -10.78
C HIS A 3 11.62 -21.14 -11.72
N HIS A 4 10.96 -21.55 -12.80
CA HIS A 4 10.47 -20.61 -13.80
C HIS A 4 8.95 -20.62 -13.88
N HIS A 5 8.41 -19.63 -14.60
CA HIS A 5 6.96 -19.45 -14.72
C HIS A 5 6.27 -20.66 -15.37
N HIS A 6 6.99 -21.51 -16.09
CA HIS A 6 6.38 -22.67 -16.72
C HIS A 6 6.46 -23.90 -15.83
N HIS A 7 7.01 -23.78 -14.63
CA HIS A 7 7.08 -24.88 -13.69
C HIS A 7 5.87 -24.87 -12.76
N HIS A 8 5.54 -26.05 -12.25
CA HIS A 8 4.50 -26.18 -11.25
C HIS A 8 5.05 -25.89 -9.86
N MET A 9 4.17 -25.41 -8.99
CA MET A 9 4.48 -25.25 -7.57
C MET A 9 3.34 -25.84 -6.78
N VAL A 10 3.65 -26.79 -5.89
CA VAL A 10 2.62 -27.39 -5.05
C VAL A 10 2.50 -26.55 -3.78
N SER A 11 1.29 -26.11 -3.49
CA SER A 11 1.02 -25.37 -2.27
C SER A 11 -0.15 -26.00 -1.53
N THR A 12 -0.11 -25.94 -0.21
CA THR A 12 -1.29 -26.26 0.59
C THR A 12 -2.07 -25.02 0.99
N LEU A 13 -1.66 -23.84 0.54
CA LEU A 13 -2.44 -22.63 0.75
C LEU A 13 -3.63 -22.62 -0.21
N LYS A 14 -4.76 -22.11 0.26
CA LYS A 14 -6.00 -22.23 -0.51
C LYS A 14 -6.40 -20.89 -1.13
N PRO A 15 -7.03 -20.90 -2.31
CA PRO A 15 -7.47 -19.65 -2.93
C PRO A 15 -8.36 -18.84 -1.99
N LEU A 16 -8.35 -17.52 -2.19
CA LEU A 16 -9.06 -16.61 -1.30
C LEU A 16 -10.09 -15.79 -2.08
N LYS A 17 -11.34 -15.85 -1.64
CA LYS A 17 -12.41 -15.08 -2.27
C LYS A 17 -12.55 -13.73 -1.58
N ILE A 18 -12.49 -12.65 -2.36
CA ILE A 18 -12.74 -11.30 -1.87
C ILE A 18 -13.84 -10.72 -2.75
N GLY A 19 -15.05 -10.60 -2.20
CA GLY A 19 -16.17 -10.16 -3.03
C GLY A 19 -16.36 -11.11 -4.18
N LYS A 20 -16.42 -10.55 -5.39
CA LYS A 20 -16.59 -11.33 -6.61
C LYS A 20 -15.28 -11.87 -7.16
N HIS A 21 -14.16 -11.59 -6.52
CA HIS A 21 -12.83 -11.87 -7.05
C HIS A 21 -12.19 -13.01 -6.28
N THR A 22 -11.31 -13.74 -6.97
CA THR A 22 -10.56 -14.83 -6.37
C THR A 22 -9.09 -14.67 -6.68
N ILE A 23 -8.27 -14.73 -5.64
CA ILE A 23 -6.82 -14.77 -5.80
C ILE A 23 -6.32 -16.16 -5.43
N LYS A 24 -5.29 -16.62 -6.14
CA LYS A 24 -4.82 -17.98 -6.00
C LYS A 24 -4.19 -18.21 -4.64
N PHE A 25 -3.41 -17.24 -4.15
CA PHE A 25 -2.78 -17.38 -2.84
C PHE A 25 -3.32 -16.33 -1.87
N PRO A 26 -3.53 -16.68 -0.63
CA PRO A 26 -4.08 -15.75 0.36
C PRO A 26 -3.10 -14.67 0.83
N ILE A 27 -2.49 -13.98 -0.13
CA ILE A 27 -1.40 -13.03 0.12
C ILE A 27 -1.70 -11.74 -0.64
N PHE A 28 -1.72 -10.60 0.08
CA PHE A 28 -1.71 -9.29 -0.54
C PHE A 28 -0.29 -8.73 -0.48
N GLN A 29 0.18 -8.18 -1.59
CA GLN A 29 1.32 -7.27 -1.55
C GLN A 29 0.79 -5.90 -1.18
N GLY A 30 1.22 -5.38 -0.03
CA GLY A 30 0.68 -4.13 0.48
C GLY A 30 1.05 -2.94 -0.40
N GLY A 31 0.09 -2.04 -0.60
CA GLY A 31 0.35 -0.87 -1.43
C GLY A 31 1.39 0.03 -0.82
N MET A 32 2.26 0.59 -1.65
CA MET A 32 3.37 1.39 -1.15
C MET A 32 3.59 2.61 -2.05
N GLY A 33 3.44 3.82 -1.50
CA GLY A 33 3.71 5.03 -2.21
C GLY A 33 4.95 5.71 -1.65
N VAL A 34 5.47 6.67 -2.41
CA VAL A 34 5.08 7.03 -3.77
C VAL A 34 5.90 6.25 -4.81
N GLY A 35 5.20 5.56 -5.70
CA GLY A 35 5.86 4.93 -6.83
C GLY A 35 6.61 3.68 -6.49
N ILE A 36 6.32 3.07 -5.34
CA ILE A 36 6.97 1.83 -5.02
C ILE A 36 6.22 0.66 -5.62
N SER A 37 4.90 0.59 -5.41
CA SER A 37 4.11 -0.47 -6.01
C SER A 37 3.26 0.11 -7.14
N TRP A 38 3.91 0.24 -8.30
CA TRP A 38 3.19 0.57 -9.53
C TRP A 38 3.20 -0.65 -10.45
N ASP A 39 3.39 -0.45 -11.77
CA ASP A 39 3.01 -1.51 -12.71
C ASP A 39 3.94 -2.73 -12.64
N GLU A 40 5.26 -2.52 -12.48
CA GLU A 40 6.18 -3.65 -12.46
C GLU A 40 5.98 -4.52 -11.24
N LEU A 41 5.91 -3.92 -10.05
CA LEU A 41 5.70 -4.71 -8.85
C LEU A 41 4.29 -5.31 -8.83
N ALA A 42 3.27 -4.47 -8.93
CA ALA A 42 1.91 -4.99 -8.77
C ALA A 42 1.56 -5.96 -9.89
N GLY A 43 1.99 -5.69 -11.13
CA GLY A 43 1.70 -6.59 -12.22
C GLY A 43 2.35 -7.95 -12.03
N ASN A 44 3.60 -7.97 -11.56
CA ASN A 44 4.27 -9.26 -11.36
C ASN A 44 3.70 -10.03 -10.17
N VAL A 45 3.33 -9.33 -9.09
CA VAL A 45 2.71 -10.03 -7.96
C VAL A 45 1.40 -10.69 -8.41
N ALA A 46 0.57 -9.95 -9.16
CA ALA A 46 -0.70 -10.53 -9.61
C ALA A 46 -0.47 -11.68 -10.58
N LYS A 47 0.55 -11.55 -11.44
CA LYS A 47 0.89 -12.63 -12.37
C LYS A 47 1.12 -13.95 -11.63
N GLU A 48 1.70 -13.89 -10.44
CA GLU A 48 2.03 -15.04 -9.61
C GLU A 48 0.85 -15.58 -8.82
N GLY A 49 -0.27 -14.85 -8.74
CA GLY A 49 -1.46 -15.34 -8.10
C GLY A 49 -1.72 -14.77 -6.73
N ALA A 50 -0.88 -13.86 -6.27
CA ALA A 50 -1.22 -13.08 -5.10
C ALA A 50 -1.92 -11.81 -5.56
N LEU A 51 -2.38 -11.01 -4.59
CA LEU A 51 -3.02 -9.74 -4.93
C LEU A 51 -1.95 -8.67 -5.10
N GLY A 52 -1.76 -8.20 -6.33
CA GLY A 52 -0.92 -7.02 -6.55
C GLY A 52 -1.76 -5.78 -6.28
N VAL A 53 -1.13 -4.79 -5.64
CA VAL A 53 -1.84 -3.58 -5.21
C VAL A 53 -1.10 -2.37 -5.74
N ILE A 54 -1.75 -1.60 -6.59
CA ILE A 54 -1.18 -0.36 -7.13
C ILE A 54 -1.43 0.77 -6.14
N SER A 55 -0.38 1.50 -5.78
CA SER A 55 -0.55 2.68 -4.93
C SER A 55 -1.04 3.84 -5.77
N ALA A 56 -2.15 4.46 -5.37
CA ALA A 56 -2.74 5.52 -6.19
C ALA A 56 -2.30 6.91 -5.76
N VAL A 57 -1.38 7.03 -4.83
CA VAL A 57 -0.96 8.31 -4.27
CA VAL A 57 -0.97 8.32 -4.29
C VAL A 57 0.24 8.83 -5.05
N GLY A 58 0.20 10.10 -5.42
CA GLY A 58 1.35 10.71 -6.09
C GLY A 58 1.65 10.19 -7.47
N THR A 59 0.63 9.67 -8.16
CA THR A 59 0.82 9.14 -9.50
C THR A 59 1.27 10.21 -10.48
N GLY A 60 1.09 11.50 -10.13
CA GLY A 60 1.62 12.55 -10.98
C GLY A 60 3.11 12.44 -11.22
N TYR A 61 3.85 11.87 -10.27
CA TYR A 61 5.29 11.69 -10.45
C TYR A 61 5.65 10.66 -11.52
N TYR A 62 4.70 9.83 -11.96
CA TYR A 62 5.00 8.69 -12.82
C TYR A 62 5.79 9.12 -14.06
N LYS A 63 6.89 8.42 -14.32
CA LYS A 63 7.78 8.70 -15.45
C LYS A 63 8.13 10.18 -15.54
N ASN A 64 8.55 10.76 -14.41
CA ASN A 64 8.97 12.16 -14.31
C ASN A 64 7.89 13.11 -14.84
N MET A 65 6.71 12.98 -14.24
CA MET A 65 5.57 13.86 -14.52
C MET A 65 5.17 13.85 -15.99
N ARG A 66 5.26 12.65 -16.59
CA ARG A 66 4.77 12.43 -17.95
C ARG A 66 3.35 12.94 -18.17
N PHE A 67 2.46 12.75 -17.18
CA PHE A 67 1.02 13.01 -17.36
C PHE A 67 0.50 14.15 -16.50
N VAL A 68 1.30 15.15 -16.16
CA VAL A 68 0.78 16.27 -15.40
C VAL A 68 0.53 17.47 -16.31
N GLU A 69 -0.52 18.23 -16.01
CA GLU A 69 -0.85 19.43 -16.78
C GLU A 69 0.03 20.61 -16.39
N ARG A 70 0.37 20.72 -15.11
CA ARG A 70 1.11 21.87 -14.64
C ARG A 70 2.12 21.42 -13.59
N ILE A 71 3.34 21.92 -13.73
CA ILE A 71 4.45 21.63 -12.84
C ILE A 71 4.88 22.94 -12.19
N VAL A 72 5.22 22.87 -10.90
CA VAL A 72 5.79 24.01 -10.17
C VAL A 72 6.96 23.53 -9.33
N ALA A 73 8.13 24.15 -9.53
CA ALA A 73 9.33 23.80 -8.78
C ALA A 73 9.56 22.30 -8.82
N LYS A 74 9.38 21.74 -10.03
CA LYS A 74 9.58 20.33 -10.33
C LYS A 74 8.63 19.42 -9.54
N LYS A 75 7.43 19.90 -9.25
CA LYS A 75 6.43 19.16 -8.49
C LYS A 75 5.09 19.22 -9.22
N PRO A 76 4.25 18.19 -9.10
CA PRO A 76 2.88 18.29 -9.65
C PRO A 76 2.07 19.36 -8.94
N PHE A 77 1.46 20.24 -9.72
CA PHE A 77 0.69 21.35 -9.14
C PHE A 77 -0.68 20.88 -8.71
N GLU A 78 -0.94 20.93 -7.40
CA GLU A 78 -2.26 20.68 -6.80
C GLU A 78 -2.68 19.22 -6.87
N ALA A 79 -3.73 18.86 -6.12
CA ALA A 79 -4.16 17.47 -6.04
C ALA A 79 -4.54 16.88 -7.39
N LEU A 80 -5.09 17.71 -8.29
CA LEU A 80 -5.50 17.18 -9.59
C LEU A 80 -4.32 16.60 -10.37
N ASN A 81 -3.13 17.18 -10.22
CA ASN A 81 -1.95 16.66 -10.91
C ASN A 81 -1.12 15.72 -10.05
N PHE A 82 -1.18 15.87 -8.72
CA PHE A 82 -0.49 14.92 -7.85
C PHE A 82 -1.14 13.54 -7.89
N TYR A 83 -2.48 13.48 -7.89
CA TYR A 83 -3.22 12.23 -8.08
C TYR A 83 -3.75 12.25 -9.51
N SER A 84 -2.89 11.84 -10.46
CA SER A 84 -3.12 12.03 -11.88
C SER A 84 -3.92 10.85 -12.45
N LYS A 85 -5.12 11.14 -12.94
CA LYS A 85 -5.96 10.11 -13.55
C LYS A 85 -5.27 9.43 -14.73
N LYS A 86 -4.62 10.22 -15.60
CA LYS A 86 -4.01 9.61 -16.77
C LYS A 86 -2.85 8.72 -16.38
N ALA A 87 -2.02 9.16 -15.42
CA ALA A 87 -0.97 8.30 -14.92
C ALA A 87 -1.53 7.03 -14.27
N LEU A 88 -2.62 7.16 -13.50
CA LEU A 88 -3.18 5.97 -12.86
C LEU A 88 -3.67 5.00 -13.92
N ASN A 89 -4.32 5.53 -14.98
CA ASN A 89 -4.76 4.67 -16.08
C ASN A 89 -3.60 3.95 -16.77
N GLU A 90 -2.50 4.65 -17.03
CA GLU A 90 -1.39 3.98 -17.69
C GLU A 90 -0.72 2.96 -16.76
N ILE A 91 -0.59 3.28 -15.47
CA ILE A 91 -0.04 2.32 -14.52
C ILE A 91 -0.87 1.02 -14.50
N PHE A 92 -2.20 1.15 -14.42
CA PHE A 92 -3.03 -0.05 -14.46
C PHE A 92 -2.89 -0.79 -15.78
N ALA A 93 -2.91 -0.07 -16.90
CA ALA A 93 -2.78 -0.71 -18.20
C ALA A 93 -1.45 -1.47 -18.33
N ASN A 94 -0.36 -0.88 -17.84
CA ASN A 94 0.93 -1.56 -17.90
C ASN A 94 1.01 -2.74 -16.95
N ALA A 95 0.38 -2.65 -15.77
CA ALA A 95 0.29 -3.81 -14.90
C ALA A 95 -0.40 -4.98 -15.61
N ARG A 96 -1.49 -4.71 -16.34
CA ARG A 96 -2.25 -5.79 -16.97
C ARG A 96 -1.59 -6.36 -18.22
N LYS A 97 -0.62 -5.65 -18.82
CA LYS A 97 0.22 -6.30 -19.83
C LYS A 97 1.00 -7.47 -19.25
N ILE A 98 1.18 -7.50 -17.92
CA ILE A 98 1.88 -8.55 -17.22
C ILE A 98 0.92 -9.59 -16.64
N CYS A 99 -0.12 -9.15 -15.92
CA CYS A 99 -0.94 -10.07 -15.16
C CYS A 99 -2.29 -10.35 -15.81
N GLY A 100 -2.60 -9.68 -16.91
CA GLY A 100 -3.88 -9.90 -17.56
C GLY A 100 -5.04 -9.46 -16.67
N ASN A 101 -6.04 -10.31 -16.60
CA ASN A 101 -7.24 -10.06 -15.82
C ASN A 101 -7.13 -10.60 -14.40
N ASN A 102 -5.94 -11.02 -13.96
CA ASN A 102 -5.79 -11.38 -12.56
C ASN A 102 -6.10 -10.18 -11.66
N PRO A 103 -6.67 -10.40 -10.48
CA PRO A 103 -7.10 -9.25 -9.65
C PRO A 103 -5.96 -8.34 -9.21
N LEU A 104 -6.26 -7.04 -9.24
CA LEU A 104 -5.39 -5.94 -8.85
C LEU A 104 -6.14 -5.05 -7.89
N GLY A 105 -5.46 -4.61 -6.84
CA GLY A 105 -6.03 -3.62 -5.96
C GLY A 105 -5.46 -2.25 -6.23
N ALA A 106 -6.09 -1.25 -5.60
CA ALA A 106 -5.57 0.10 -5.54
C ALA A 106 -5.64 0.54 -4.09
N ASN A 107 -4.53 1.07 -3.57
CA ASN A 107 -4.46 1.56 -2.20
C ASN A 107 -4.59 3.08 -2.20
N ILE A 108 -5.52 3.60 -1.41
CA ILE A 108 -5.75 5.04 -1.31
C ILE A 108 -5.88 5.42 0.15
N LEU A 109 -5.02 6.33 0.61
CA LEU A 109 -5.10 6.79 1.99
C LEU A 109 -6.32 7.68 2.18
N TYR A 110 -7.04 7.48 3.28
CA TYR A 110 -8.27 8.22 3.49
C TYR A 110 -7.99 9.70 3.70
N ALA A 111 -6.79 10.03 4.19
CA ALA A 111 -6.42 11.40 4.52
C ALA A 111 -6.04 12.24 3.30
N ILE A 112 -5.97 11.65 2.11
CA ILE A 112 -5.57 12.47 0.97
C ILE A 112 -6.68 13.44 0.64
N ASN A 113 -6.31 14.56 0.04
CA ASN A 113 -7.31 15.40 -0.59
C ASN A 113 -7.88 14.70 -1.81
N ASP A 114 -9.12 15.02 -2.14
CA ASP A 114 -9.81 14.47 -3.32
C ASP A 114 -9.93 12.93 -3.23
N TYR A 115 -10.13 12.42 -2.01
CA TYR A 115 -10.23 10.98 -1.81
C TYR A 115 -11.25 10.35 -2.74
N GLY A 116 -12.48 10.88 -2.75
CA GLY A 116 -13.52 10.28 -3.56
C GLY A 116 -13.18 10.28 -5.04
N ARG A 117 -12.53 11.35 -5.52
CA ARG A 117 -12.18 11.43 -6.92
C ARG A 117 -11.15 10.35 -7.28
N VAL A 118 -10.19 10.12 -6.39
CA VAL A 118 -9.16 9.10 -6.65
C VAL A 118 -9.74 7.68 -6.55
N LEU A 119 -10.72 7.47 -5.66
CA LEU A 119 -11.41 6.18 -5.61
C LEU A 119 -12.12 5.90 -6.93
N ARG A 120 -12.93 6.85 -7.41
CA ARG A 120 -13.60 6.67 -8.70
C ARG A 120 -12.58 6.49 -9.83
N ASP A 121 -11.48 7.26 -9.81
CA ASP A 121 -10.43 7.09 -10.82
C ASP A 121 -9.87 5.69 -10.78
N SER A 122 -9.70 5.14 -9.56
CA SER A 122 -9.16 3.79 -9.43
C SER A 122 -10.11 2.76 -10.02
N CYS A 123 -11.42 2.90 -9.76
CA CYS A 123 -12.38 2.00 -10.38
C CYS A 123 -12.33 2.11 -11.90
N GLU A 124 -12.32 3.36 -12.41
CA GLU A 124 -12.33 3.55 -13.85
C GLU A 124 -11.06 3.06 -14.50
N ALA A 125 -9.96 3.02 -13.75
CA ALA A 125 -8.68 2.53 -14.28
C ALA A 125 -8.61 1.02 -14.33
N GLY A 126 -9.52 0.32 -13.65
CA GLY A 126 -9.57 -1.13 -13.71
C GLY A 126 -9.35 -1.84 -12.39
N ALA A 127 -9.33 -1.10 -11.28
CA ALA A 127 -9.12 -1.74 -9.98
C ALA A 127 -10.23 -2.72 -9.66
N ASN A 128 -9.87 -3.91 -9.17
CA ASN A 128 -10.90 -4.84 -8.71
C ASN A 128 -11.20 -4.69 -7.24
N ILE A 129 -10.29 -4.08 -6.50
CA ILE A 129 -10.34 -3.97 -5.03
C ILE A 129 -9.82 -2.58 -4.68
N ILE A 130 -10.46 -1.90 -3.71
CA ILE A 130 -9.92 -0.68 -3.12
C ILE A 130 -9.58 -0.95 -1.66
N ILE A 131 -8.37 -0.53 -1.24
CA ILE A 131 -7.88 -0.68 0.12
C ILE A 131 -7.59 0.73 0.67
N THR A 132 -8.14 1.03 1.86
CA THR A 132 -8.00 2.36 2.44
C THR A 132 -7.76 2.31 3.94
N GLY A 133 -6.66 2.95 4.38
CA GLY A 133 -6.35 3.16 5.78
C GLY A 133 -6.09 4.63 6.05
N ALA A 134 -5.29 4.95 7.07
CA ALA A 134 -5.03 6.35 7.43
C ALA A 134 -6.34 7.11 7.63
N GLY A 135 -7.22 6.55 8.45
CA GLY A 135 -8.53 7.12 8.73
C GLY A 135 -9.58 6.04 8.93
N LEU A 136 -10.82 6.45 9.17
CA LEU A 136 -11.94 5.52 9.33
C LEU A 136 -12.87 5.70 8.15
N PRO A 137 -12.78 4.86 7.11
CA PRO A 137 -13.41 5.19 5.83
C PRO A 137 -14.89 4.80 5.77
N THR A 138 -15.74 5.68 6.32
CA THR A 138 -17.15 5.34 6.49
C THR A 138 -17.99 5.54 5.22
N ASN A 139 -17.41 6.09 4.15
CA ASN A 139 -18.19 6.42 2.96
C ASN A 139 -17.57 5.86 1.69
N MET A 140 -16.75 4.81 1.78
CA MET A 140 -16.16 4.21 0.58
C MET A 140 -17.24 3.88 -0.46
N PRO A 141 -18.41 3.31 -0.10
CA PRO A 141 -19.40 2.99 -1.13
C PRO A 141 -19.98 4.19 -1.84
N GLU A 142 -19.90 5.39 -1.24
CA GLU A 142 -20.42 6.58 -1.89
C GLU A 142 -19.76 6.78 -3.26
N PHE A 143 -18.47 6.51 -3.35
CA PHE A 143 -17.72 6.84 -4.55
C PHE A 143 -17.61 5.65 -5.52
N ALA A 144 -18.04 4.47 -5.10
CA ALA A 144 -17.98 3.26 -5.91
C ALA A 144 -19.34 2.83 -6.43
N LYS A 145 -20.39 3.66 -6.30
CA LYS A 145 -21.73 3.20 -6.64
C LYS A 145 -21.82 2.76 -8.09
N ASP A 146 -21.09 3.42 -8.98
CA ASP A 146 -21.11 3.08 -10.39
C ASP A 146 -20.33 1.82 -10.72
N PHE A 147 -19.67 1.21 -9.74
CA PHE A 147 -18.75 0.10 -9.98
C PHE A 147 -19.07 -1.01 -8.97
N SER A 148 -20.17 -1.73 -9.24
CA SER A 148 -20.76 -2.63 -8.26
C SER A 148 -19.83 -3.77 -7.89
N ASP A 149 -18.95 -4.16 -8.81
CA ASP A 149 -18.10 -5.32 -8.60
C ASP A 149 -16.80 -5.02 -7.88
N VAL A 150 -16.43 -3.75 -7.68
CA VAL A 150 -15.16 -3.44 -7.03
C VAL A 150 -15.31 -3.69 -5.53
N ALA A 151 -14.42 -4.53 -5.00
CA ALA A 151 -14.50 -4.85 -3.58
C ALA A 151 -13.81 -3.77 -2.76
N LEU A 152 -14.33 -3.51 -1.56
CA LEU A 152 -13.90 -2.41 -0.70
C LEU A 152 -13.38 -2.96 0.63
N ILE A 153 -12.14 -2.58 0.98
CA ILE A 153 -11.42 -3.13 2.11
C ILE A 153 -10.82 -2.02 2.97
N PRO A 154 -11.41 -1.71 4.12
CA PRO A 154 -10.76 -0.79 5.07
C PRO A 154 -9.61 -1.46 5.81
N ILE A 155 -8.62 -0.64 6.18
CA ILE A 155 -7.58 -1.03 7.12
C ILE A 155 -7.97 -0.54 8.50
N ILE A 156 -7.97 -1.43 9.49
CA ILE A 156 -8.42 -1.11 10.85
C ILE A 156 -7.40 -1.61 11.86
N SER A 157 -7.51 -1.11 13.10
CA SER A 157 -6.65 -1.59 14.17
C SER A 157 -7.43 -2.05 15.39
N SER A 158 -8.74 -2.24 15.29
CA SER A 158 -9.51 -2.67 16.45
C SER A 158 -10.82 -3.33 16.03
N ALA A 159 -11.34 -4.17 16.92
CA ALA A 159 -12.68 -4.72 16.72
C ALA A 159 -13.74 -3.63 16.80
N LYS A 160 -13.50 -2.56 17.60
CA LYS A 160 -14.44 -1.45 17.63
C LYS A 160 -14.59 -0.81 16.25
N ALA A 161 -13.49 -0.69 15.50
CA ALA A 161 -13.59 -0.07 14.19
C ALA A 161 -14.33 -0.96 13.20
N LEU A 162 -14.17 -2.28 13.32
CA LEU A 162 -14.93 -3.19 12.46
C LEU A 162 -16.43 -3.00 12.70
N LYS A 163 -16.85 -3.03 13.97
CA LYS A 163 -18.27 -2.94 14.31
C LYS A 163 -18.86 -1.61 13.84
N ILE A 164 -18.06 -0.54 13.93
CA ILE A 164 -18.55 0.78 13.56
C ILE A 164 -18.70 0.89 12.04
N LEU A 165 -17.69 0.44 11.31
CA LEU A 165 -17.73 0.54 9.86
C LEU A 165 -18.84 -0.32 9.29
N CYS A 166 -19.01 -1.54 9.81
CA CYS A 166 -20.07 -2.42 9.31
C CYS A 166 -21.45 -1.80 9.53
N LYS A 167 -21.67 -1.21 10.71
CA LYS A 167 -22.97 -0.62 11.00
C LYS A 167 -23.20 0.63 10.14
N ARG A 168 -22.23 1.54 10.09
CA ARG A 168 -22.41 2.75 9.27
C ARG A 168 -22.68 2.41 7.82
N TRP A 169 -21.88 1.50 7.24
CA TRP A 169 -22.10 1.12 5.85
C TRP A 169 -23.44 0.42 5.65
N SER A 170 -23.79 -0.50 6.55
CA SER A 170 -25.04 -1.23 6.39
C SER A 170 -26.23 -0.30 6.43
N ASP A 171 -26.24 0.64 7.38
CA ASP A 171 -27.37 1.54 7.54
C ASP A 171 -27.50 2.50 6.38
N ARG A 172 -26.39 2.90 5.77
CA ARG A 172 -26.41 3.95 4.77
C ARG A 172 -26.42 3.42 3.35
N TYR A 173 -25.67 2.34 3.07
CA TYR A 173 -25.54 1.83 1.71
C TYR A 173 -26.13 0.44 1.51
N LYS A 174 -26.67 -0.20 2.56
CA LYS A 174 -27.16 -1.59 2.49
C LYS A 174 -26.07 -2.54 2.00
N ARG A 175 -24.85 -2.29 2.46
CA ARG A 175 -23.66 -2.99 2.03
C ARG A 175 -22.65 -2.94 3.16
N ILE A 176 -21.85 -3.99 3.33
CA ILE A 176 -20.79 -4.01 4.35
C ILE A 176 -19.46 -4.27 3.64
N PRO A 177 -18.34 -4.02 4.32
CA PRO A 177 -17.04 -4.27 3.67
C PRO A 177 -16.84 -5.71 3.19
N ASP A 178 -16.07 -5.85 2.11
CA ASP A 178 -15.81 -7.16 1.54
C ASP A 178 -14.70 -7.89 2.29
N ALA A 179 -13.89 -7.18 3.06
CA ALA A 179 -12.80 -7.71 3.83
C ALA A 179 -12.31 -6.59 4.74
N PHE A 180 -11.56 -6.96 5.77
CA PHE A 180 -10.84 -6.01 6.59
C PHE A 180 -9.37 -6.42 6.66
N ILE A 181 -8.48 -5.43 6.53
CA ILE A 181 -7.08 -5.61 6.85
C ILE A 181 -6.88 -5.12 8.27
N VAL A 182 -6.29 -5.94 9.13
CA VAL A 182 -6.06 -5.55 10.52
CA VAL A 182 -6.05 -5.57 10.53
C VAL A 182 -4.56 -5.35 10.72
N GLU A 183 -4.19 -4.17 11.20
CA GLU A 183 -2.81 -3.83 11.48
C GLU A 183 -2.76 -3.18 12.85
N GLY A 184 -1.69 -3.43 13.60
CA GLY A 184 -1.51 -2.72 14.85
C GLY A 184 -1.16 -1.26 14.62
N PRO A 185 -1.48 -0.39 15.59
CA PRO A 185 -0.95 0.98 15.56
C PRO A 185 0.52 1.04 15.99
N PHE A 203 -2.20 -4.81 21.60
CA PHE A 203 -1.98 -4.19 20.29
C PHE A 203 -1.12 -5.07 19.37
N ARG A 204 -0.55 -6.14 19.93
CA ARG A 204 0.22 -7.04 19.10
C ARG A 204 -0.70 -7.88 18.22
N LEU A 205 -0.24 -8.11 16.99
CA LEU A 205 -1.09 -8.65 15.93
C LEU A 205 -1.68 -10.00 16.30
N GLU A 206 -0.98 -10.75 17.15
CA GLU A 206 -1.44 -12.09 17.55
C GLU A 206 -2.59 -12.05 18.55
N ASN A 207 -2.86 -10.90 19.16
CA ASN A 207 -4.05 -10.73 19.99
C ASN A 207 -5.15 -9.94 19.30
N LEU A 208 -4.80 -9.06 18.36
CA LEU A 208 -5.80 -8.31 17.61
C LEU A 208 -6.59 -9.22 16.68
N VAL A 209 -5.92 -10.12 15.97
CA VAL A 209 -6.60 -10.91 14.94
C VAL A 209 -7.76 -11.72 15.50
N PRO A 210 -7.60 -12.49 16.59
CA PRO A 210 -8.76 -13.22 17.11
C PRO A 210 -9.89 -12.31 17.57
N LYS A 211 -9.58 -11.14 18.14
CA LYS A 211 -10.63 -10.21 18.53
C LYS A 211 -11.41 -9.71 17.33
N VAL A 212 -10.73 -9.44 16.22
CA VAL A 212 -11.42 -8.91 15.05
C VAL A 212 -12.18 -10.02 14.35
N VAL A 213 -11.56 -11.20 14.27
CA VAL A 213 -12.24 -12.36 13.70
C VAL A 213 -13.51 -12.65 14.47
N GLU A 214 -13.44 -12.57 15.80
CA GLU A 214 -14.64 -12.76 16.63
C GLU A 214 -15.72 -11.74 16.27
N ALA A 215 -15.33 -10.46 16.16
CA ALA A 215 -16.31 -9.43 15.90
C ALA A 215 -16.95 -9.58 14.53
N SER A 216 -16.19 -10.06 13.55
CA SER A 216 -16.75 -10.21 12.21
C SER A 216 -17.87 -11.23 12.18
N LYS A 217 -17.86 -12.20 13.12
CA LYS A 217 -18.90 -13.23 13.18
C LYS A 217 -20.30 -12.62 13.18
N GLU A 218 -20.46 -11.50 13.88
CA GLU A 218 -21.77 -10.83 13.93
C GLU A 218 -22.25 -10.43 12.55
N TRP A 219 -21.33 -10.19 11.61
CA TRP A 219 -21.68 -9.63 10.32
C TRP A 219 -21.54 -10.61 9.15
N GLY A 220 -21.12 -11.85 9.40
CA GLY A 220 -21.11 -12.85 8.35
C GLY A 220 -19.77 -13.42 7.97
N ASN A 221 -18.81 -13.40 8.89
CA ASN A 221 -17.43 -13.85 8.62
C ASN A 221 -16.88 -13.22 7.35
N ILE A 222 -16.83 -11.90 7.39
CA ILE A 222 -16.01 -11.11 6.46
C ILE A 222 -14.57 -11.60 6.58
N PRO A 223 -13.85 -11.84 5.49
CA PRO A 223 -12.44 -12.27 5.60
C PRO A 223 -11.59 -11.20 6.26
N ILE A 224 -10.71 -11.65 7.16
CA ILE A 224 -9.78 -10.78 7.88
C ILE A 224 -8.36 -11.03 7.39
N ILE A 225 -7.70 -9.98 6.96
CA ILE A 225 -6.35 -10.04 6.40
C ILE A 225 -5.39 -9.45 7.44
N ALA A 226 -4.47 -10.26 7.95
CA ALA A 226 -3.52 -9.77 8.95
C ALA A 226 -2.34 -9.05 8.30
N ALA A 227 -1.94 -7.89 8.87
CA ALA A 227 -0.87 -7.09 8.30
C ALA A 227 0.09 -6.54 9.36
N GLY A 228 1.38 -6.51 9.00
CA GLY A 228 2.42 -5.91 9.82
C GLY A 228 3.38 -6.91 10.43
N GLY A 229 4.63 -6.93 9.97
CA GLY A 229 5.63 -7.80 10.57
C GLY A 229 5.59 -9.23 10.10
N ILE A 230 4.80 -9.53 9.08
CA ILE A 230 4.72 -10.87 8.52
C ILE A 230 5.85 -11.01 7.51
N TRP A 231 6.74 -11.96 7.76
CA TRP A 231 7.96 -12.09 6.96
C TRP A 231 8.02 -13.36 6.13
N ASP A 232 7.65 -14.51 6.68
CA ASP A 232 7.81 -15.78 5.97
C ASP A 232 6.57 -16.65 6.16
N ARG A 233 6.65 -17.87 5.62
CA ARG A 233 5.51 -18.78 5.65
C ARG A 233 5.17 -19.21 7.08
N LYS A 234 6.16 -19.28 7.98
CA LYS A 234 5.83 -19.54 9.39
C LYS A 234 4.93 -18.45 9.97
N ASP A 235 5.17 -17.19 9.58
CA ASP A 235 4.31 -16.11 10.04
C ASP A 235 2.93 -16.18 9.39
N ILE A 236 2.89 -16.53 8.10
CA ILE A 236 1.61 -16.70 7.42
C ILE A 236 0.79 -17.79 8.11
N ASP A 237 1.42 -18.94 8.38
CA ASP A 237 0.69 -20.06 8.97
C ASP A 237 0.17 -19.69 10.35
N THR A 238 0.97 -18.97 11.13
CA THR A 238 0.51 -18.51 12.43
C THR A 238 -0.74 -17.66 12.29
N MET A 239 -0.77 -16.80 11.26
CA MET A 239 -1.87 -15.85 11.11
C MET A 239 -3.13 -16.59 10.69
N LEU A 240 -3.01 -17.53 9.75
CA LEU A 240 -4.16 -18.32 9.33
C LEU A 240 -4.70 -19.15 10.49
N SER A 241 -3.80 -19.65 11.35
CA SER A 241 -4.24 -20.46 12.48
C SER A 241 -5.02 -19.64 13.50
N LEU A 242 -4.81 -18.32 13.53
CA LEU A 242 -5.53 -17.44 14.42
C LEU A 242 -6.86 -17.01 13.85
N GLY A 243 -7.23 -17.49 12.66
CA GLY A 243 -8.50 -17.17 12.05
C GLY A 243 -8.43 -16.20 10.91
N ALA A 244 -7.26 -15.62 10.63
CA ALA A 244 -7.10 -14.78 9.46
C ALA A 244 -7.33 -15.58 8.19
N SER A 245 -7.96 -14.95 7.21
CA SER A 245 -8.14 -15.56 5.90
C SER A 245 -6.96 -15.34 4.97
N GLY A 246 -6.10 -14.36 5.28
CA GLY A 246 -4.93 -14.08 4.45
C GLY A 246 -4.03 -13.14 5.19
N VAL A 247 -2.92 -12.77 4.52
CA VAL A 247 -1.96 -11.81 5.04
C VAL A 247 -1.71 -10.71 4.01
N GLN A 248 -1.32 -9.55 4.52
CA GLN A 248 -0.77 -8.47 3.69
C GLN A 248 0.69 -8.24 4.10
N MET A 249 1.56 -8.14 3.10
CA MET A 249 3.00 -8.02 3.30
C MET A 249 3.50 -6.87 2.43
N ALA A 250 4.25 -5.94 3.02
CA ALA A 250 4.82 -4.84 2.26
C ALA A 250 6.33 -4.97 2.18
N THR A 251 7.03 -4.95 3.32
CA THR A 251 8.48 -4.87 3.31
C THR A 251 9.11 -6.00 2.50
N ARG A 252 8.55 -7.22 2.56
CA ARG A 252 9.15 -8.30 1.78
C ARG A 252 9.16 -7.95 0.30
N PHE A 253 8.06 -7.36 -0.20
CA PHE A 253 8.00 -7.00 -1.61
C PHE A 253 8.81 -5.76 -1.93
N LEU A 254 8.97 -4.86 -0.96
CA LEU A 254 9.87 -3.73 -1.11
C LEU A 254 11.27 -4.19 -1.48
N GLY A 255 11.66 -5.37 -1.03
CA GLY A 255 12.96 -5.91 -1.38
C GLY A 255 12.99 -6.86 -2.55
N THR A 256 12.12 -6.67 -3.54
CA THR A 256 12.17 -7.46 -4.76
C THR A 256 12.69 -6.63 -5.92
N LYS A 257 13.19 -7.32 -6.96
CA LYS A 257 13.74 -6.61 -8.11
C LYS A 257 12.68 -5.77 -8.81
N GLU A 258 11.43 -6.24 -8.81
CA GLU A 258 10.37 -5.59 -9.57
C GLU A 258 9.80 -4.37 -8.88
N CYS A 259 10.32 -4.00 -7.71
CA CYS A 259 9.91 -2.76 -7.06
C CYS A 259 10.08 -1.59 -8.03
N ASP A 260 9.07 -0.72 -8.10
CA ASP A 260 9.12 0.36 -9.10
C ASP A 260 10.01 1.52 -8.65
N ALA A 261 10.34 1.61 -7.37
CA ALA A 261 11.27 2.62 -6.86
C ALA A 261 12.64 1.96 -6.73
N LYS A 262 13.50 2.20 -7.72
CA LYS A 262 14.70 1.41 -7.90
C LYS A 262 15.77 1.70 -6.87
N VAL A 263 15.66 2.79 -6.13
CA VAL A 263 16.65 3.10 -5.09
C VAL A 263 16.64 2.06 -3.97
N TYR A 264 15.49 1.44 -3.68
CA TYR A 264 15.43 0.51 -2.56
C TYR A 264 16.33 -0.71 -2.74
N ALA A 265 16.54 -1.15 -3.99
CA ALA A 265 17.44 -2.26 -4.24
C ALA A 265 18.87 -1.92 -3.85
N ASP A 266 19.22 -0.63 -3.86
CA ASP A 266 20.54 -0.18 -3.41
C ASP A 266 20.61 0.06 -1.91
N LEU A 267 19.47 0.36 -1.28
CA LEU A 267 19.42 0.83 0.09
C LEU A 267 19.19 -0.29 1.10
N LEU A 268 18.23 -1.18 0.82
CA LEU A 268 17.90 -2.22 1.79
C LEU A 268 19.02 -3.17 2.13
N PRO A 269 19.81 -3.69 1.17
CA PRO A 269 20.83 -4.67 1.57
C PRO A 269 21.79 -4.17 2.63
N THR A 270 22.04 -2.86 2.72
CA THR A 270 22.93 -2.32 3.74
C THR A 270 22.21 -1.83 4.98
N LEU A 271 20.88 -1.90 5.02
CA LEU A 271 20.12 -1.26 6.09
C LEU A 271 20.27 -2.02 7.42
N LYS A 272 20.67 -1.29 8.45
CA LYS A 272 20.80 -1.85 9.79
C LYS A 272 19.63 -1.43 10.67
N LYS A 273 19.32 -2.27 11.64
CA LYS A 273 18.20 -2.03 12.54
C LYS A 273 18.27 -0.66 13.20
N GLU A 274 19.47 -0.22 13.61
CA GLU A 274 19.56 1.04 14.33
C GLU A 274 19.28 2.25 13.46
N ASP A 275 19.12 2.06 12.15
CA ASP A 275 18.86 3.18 11.25
C ASP A 275 17.40 3.23 10.82
N ILE A 276 16.55 2.45 11.46
CA ILE A 276 15.10 2.50 11.26
C ILE A 276 14.53 3.26 12.44
N LEU A 277 13.66 4.23 12.17
CA LEU A 277 13.11 5.01 13.27
C LEU A 277 11.69 5.50 12.97
N LEU A 278 10.93 5.70 14.03
CA LEU A 278 9.60 6.28 13.93
C LEU A 278 9.69 7.80 13.90
N ILE A 279 8.95 8.42 13.00
CA ILE A 279 8.99 9.87 12.80
C ILE A 279 7.57 10.39 12.76
N LYS A 280 7.44 11.70 13.00
CA LYS A 280 6.17 12.39 12.83
C LYS A 280 5.95 12.66 11.34
N SER A 281 4.72 13.01 10.96
CA SER A 281 4.46 13.31 9.56
C SER A 281 3.43 14.42 9.45
N PRO A 282 3.39 15.13 8.32
CA PRO A 282 2.34 16.14 8.11
C PRO A 282 0.94 15.56 8.06
N VAL A 283 0.80 14.24 7.87
CA VAL A 283 -0.51 13.60 7.84
C VAL A 283 -1.11 13.44 9.24
N GLY A 284 -0.30 13.61 10.29
CA GLY A 284 -0.80 13.35 11.63
C GLY A 284 -0.83 11.90 12.04
N TYR A 285 -0.19 11.01 11.27
CA TYR A 285 0.10 9.62 11.63
C TYR A 285 1.59 9.40 11.59
N PRO A 286 2.15 8.63 12.52
CA PRO A 286 3.59 8.34 12.48
C PRO A 286 3.96 7.47 11.29
N ALA A 287 5.17 7.66 10.82
CA ALA A 287 5.69 6.80 9.77
C ALA A 287 6.97 6.15 10.27
N ARG A 288 7.36 5.03 9.65
CA ARG A 288 8.63 4.41 9.95
C ARG A 288 9.56 4.64 8.77
N ALA A 289 10.69 5.28 9.03
CA ALA A 289 11.55 5.81 7.97
C ALA A 289 12.96 5.27 8.13
N ILE A 290 13.71 5.34 7.04
CA ILE A 290 15.14 5.05 7.06
C ILE A 290 15.87 6.35 7.38
N ASN A 291 16.81 6.28 8.33
CA ASN A 291 17.56 7.47 8.73
C ASN A 291 18.52 7.89 7.64
N THR A 292 18.01 8.49 6.57
CA THR A 292 18.82 8.87 5.41
C THR A 292 18.04 9.90 4.63
N GLY A 293 18.65 10.44 3.57
CA GLY A 293 17.95 11.41 2.75
C GLY A 293 17.52 12.64 3.52
N VAL A 294 16.29 13.09 3.28
CA VAL A 294 15.81 14.34 3.88
C VAL A 294 15.90 14.28 5.41
N ILE A 295 15.80 13.09 6.00
CA ILE A 295 15.86 13.01 7.46
C ILE A 295 17.25 13.41 7.94
N LYS A 296 18.29 13.03 7.21
CA LYS A 296 19.64 13.47 7.53
C LYS A 296 19.85 14.94 7.19
N ARG A 297 19.21 15.42 6.12
CA ARG A 297 19.37 16.81 5.74
C ARG A 297 18.80 17.73 6.80
N ILE A 298 17.63 17.38 7.35
CA ILE A 298 17.03 18.19 8.41
C ILE A 298 17.97 18.30 9.61
N GLU A 299 18.61 17.19 10.00
CA GLU A 299 19.43 17.20 11.21
C GLU A 299 20.72 17.97 11.01
N GLU A 300 21.18 18.08 9.76
CA GLU A 300 22.30 18.93 9.42
C GLU A 300 21.92 20.40 9.33
N GLY A 301 20.63 20.71 9.32
CA GLY A 301 20.21 22.06 9.02
C GLY A 301 20.29 22.37 7.55
N ASN A 302 20.13 21.35 6.70
CA ASN A 302 20.09 21.50 5.25
C ASN A 302 18.74 21.09 4.70
N ALA A 303 17.67 21.35 5.44
CA ALA A 303 16.38 20.85 5.05
C ALA A 303 15.94 21.53 3.75
N PRO A 304 15.32 20.80 2.83
CA PRO A 304 14.73 21.44 1.65
C PRO A 304 13.67 22.45 2.05
N LYS A 305 13.49 23.45 1.19
CA LYS A 305 12.43 24.44 1.37
C LYS A 305 11.05 23.78 1.33
N ILE A 306 10.16 24.24 2.21
CA ILE A 306 8.77 23.80 2.23
C ILE A 306 7.90 24.90 1.65
N ALA A 307 7.14 24.54 0.63
CA ALA A 307 6.14 25.43 0.05
C ALA A 307 5.18 24.50 -0.67
N CYS A 308 4.00 24.32 -0.10
CA CYS A 308 3.02 23.36 -0.60
C CYS A 308 2.70 23.62 -2.06
N VAL A 309 3.02 22.65 -2.90
CA VAL A 309 2.69 22.67 -4.31
C VAL A 309 1.63 21.61 -4.64
N SER A 310 1.86 20.36 -4.21
CA SER A 310 1.02 19.24 -4.61
C SER A 310 -0.24 19.10 -3.78
N ASN A 311 -0.31 19.74 -2.60
CA ASN A 311 -1.50 19.74 -1.73
C ASN A 311 -2.00 18.32 -1.47
N CYS A 312 -1.11 17.48 -0.96
CA CYS A 312 -1.36 16.04 -0.98
C CYS A 312 -2.41 15.58 0.05
N VAL A 313 -2.39 16.11 1.28
CA VAL A 313 -3.23 15.53 2.35
C VAL A 313 -3.97 16.61 3.11
N ALA A 314 -5.23 16.35 3.43
CA ALA A 314 -6.04 17.32 4.15
C ALA A 314 -5.44 17.74 5.50
N PRO A 315 -4.95 16.83 6.35
CA PRO A 315 -4.56 17.26 7.71
C PRO A 315 -3.43 18.26 7.72
N CYS A 316 -2.65 18.36 6.64
CA CYS A 316 -1.50 19.27 6.64
C CYS A 316 -1.92 20.74 6.54
N ASN A 317 -3.09 21.02 5.97
CA ASN A 317 -3.56 22.39 5.74
C ASN A 317 -2.52 23.18 4.94
N ARG A 318 -2.28 22.72 3.72
CA ARG A 318 -1.46 23.43 2.72
C ARG A 318 -0.10 23.87 3.27
N GLY A 319 0.54 23.02 4.08
CA GLY A 319 1.89 23.27 4.54
C GLY A 319 2.00 23.66 5.99
N GLU A 320 0.89 23.93 6.67
CA GLU A 320 0.93 24.25 8.10
C GLU A 320 1.67 23.18 8.88
N GLU A 321 1.29 21.91 8.67
CA GLU A 321 1.89 20.88 9.51
C GLU A 321 3.25 20.45 8.97
N ALA A 322 3.45 20.49 7.65
CA ALA A 322 4.77 20.17 7.09
C ALA A 322 5.83 21.10 7.65
N LYS A 323 5.52 22.40 7.73
CA LYS A 323 6.47 23.35 8.30
C LYS A 323 6.78 23.01 9.76
N LYS A 324 5.76 22.58 10.52
CA LYS A 324 5.95 22.22 11.92
C LYS A 324 6.81 20.98 12.09
N VAL A 325 6.49 19.89 11.37
CA VAL A 325 7.27 18.66 11.54
C VAL A 325 8.61 18.69 10.81
N GLY A 326 8.77 19.57 9.82
CA GLY A 326 10.06 19.82 9.21
C GLY A 326 10.21 19.31 7.78
N TYR A 327 9.20 18.63 7.23
CA TYR A 327 9.37 18.13 5.87
C TYR A 327 7.99 17.96 5.23
N CYS A 328 8.00 18.03 3.89
CA CYS A 328 6.83 17.76 3.04
C CYS A 328 6.86 16.32 2.54
N ILE A 329 5.80 15.56 2.84
CA ILE A 329 5.83 14.14 2.52
C ILE A 329 5.71 13.89 1.00
N ALA A 330 4.86 14.66 0.30
CA ALA A 330 4.74 14.54 -1.15
C ALA A 330 6.08 14.80 -1.85
N ASP A 331 6.73 15.91 -1.49
CA ASP A 331 8.01 16.27 -2.11
C ASP A 331 9.05 15.20 -1.85
N GLY A 332 9.09 14.71 -0.61
CA GLY A 332 10.14 13.77 -0.24
C GLY A 332 9.95 12.41 -0.87
N LEU A 333 8.71 11.92 -0.91
CA LEU A 333 8.45 10.62 -1.50
C LEU A 333 8.56 10.67 -3.02
N GLY A 334 8.18 11.79 -3.64
CA GLY A 334 8.40 11.93 -5.07
C GLY A 334 9.87 11.96 -5.44
N ARG A 335 10.69 12.66 -4.65
CA ARG A 335 12.13 12.68 -4.91
C ARG A 335 12.73 11.28 -4.86
N SER A 336 12.26 10.44 -3.94
CA SER A 336 12.79 9.10 -3.87
C SER A 336 12.44 8.29 -5.11
N TYR A 337 11.22 8.44 -5.62
CA TYR A 337 10.87 7.72 -6.85
C TYR A 337 11.73 8.17 -8.02
N LEU A 338 12.02 9.48 -8.10
CA LEU A 338 12.87 10.03 -9.15
C LEU A 338 14.36 9.74 -8.95
N GLY A 339 14.75 9.05 -7.88
CA GLY A 339 16.13 8.63 -7.70
C GLY A 339 16.99 9.47 -6.76
N ASN A 340 16.39 10.39 -6.01
CA ASN A 340 17.15 11.39 -5.26
C ASN A 340 17.56 10.83 -3.91
N ARG A 341 18.84 10.45 -3.79
CA ARG A 341 19.38 9.91 -2.54
C ARG A 341 19.67 10.99 -1.49
N GLU A 342 19.93 12.23 -1.92
CA GLU A 342 20.24 13.28 -0.96
C GLU A 342 18.99 13.80 -0.25
N GLU A 343 17.89 14.02 -0.98
CA GLU A 343 16.71 14.65 -0.40
C GLU A 343 15.47 13.78 -0.39
N GLY A 344 15.55 12.52 -0.81
CA GLY A 344 14.39 11.67 -0.77
C GLY A 344 14.02 11.21 0.63
N LEU A 345 12.74 10.86 0.79
CA LEU A 345 12.22 10.25 2.00
C LEU A 345 11.99 8.76 1.74
N TYR A 346 12.54 7.92 2.62
CA TYR A 346 12.52 6.48 2.46
C TYR A 346 11.85 5.82 3.65
N PHE A 347 10.86 4.98 3.38
CA PHE A 347 10.08 4.26 4.37
C PHE A 347 10.48 2.78 4.42
N THR A 348 10.19 2.15 5.56
CA THR A 348 10.39 0.71 5.71
C THR A 348 9.50 0.21 6.85
N GLY A 349 9.06 -1.04 6.73
CA GLY A 349 8.54 -1.72 7.89
C GLY A 349 9.64 -2.03 8.89
N ALA A 350 9.24 -2.51 10.07
CA ALA A 350 10.22 -2.78 11.10
C ALA A 350 11.23 -3.86 10.69
N ASN A 351 10.85 -4.78 9.82
CA ASN A 351 11.73 -5.85 9.36
C ASN A 351 12.65 -5.47 8.18
N GLY A 352 12.73 -4.19 7.79
CA GLY A 352 13.55 -3.83 6.65
C GLY A 352 14.99 -4.27 6.74
N TYR A 353 15.55 -4.28 7.96
CA TYR A 353 16.94 -4.70 8.17
C TYR A 353 17.17 -6.19 7.88
N ARG A 354 16.12 -6.98 7.71
CA ARG A 354 16.27 -8.39 7.40
C ARG A 354 16.45 -8.66 5.91
N VAL A 355 16.38 -7.62 5.08
CA VAL A 355 16.63 -7.77 3.65
C VAL A 355 18.14 -7.82 3.42
N ASP A 356 18.63 -8.94 2.88
CA ASP A 356 20.01 -8.99 2.41
C ASP A 356 20.08 -9.08 0.89
N LYS A 357 19.52 -10.12 0.30
CA LYS A 357 19.49 -10.22 -1.15
C LYS A 357 18.21 -9.58 -1.68
N ILE A 358 18.32 -8.96 -2.85
CA ILE A 358 17.17 -8.49 -3.61
C ILE A 358 16.78 -9.60 -4.58
N ILE A 359 15.62 -10.22 -4.34
CA ILE A 359 15.21 -11.39 -5.10
C ILE A 359 14.03 -11.03 -6.00
N SER A 360 13.69 -11.93 -6.93
CA SER A 360 12.57 -11.66 -7.82
C SER A 360 11.24 -11.90 -7.09
N VAL A 361 10.17 -11.25 -7.59
CA VAL A 361 8.84 -11.54 -7.06
C VAL A 361 8.53 -13.03 -7.20
N HIS A 362 8.94 -13.65 -8.31
CA HIS A 362 8.64 -15.07 -8.53
C HIS A 362 9.30 -15.93 -7.45
N GLU A 363 10.58 -15.65 -7.18
CA GLU A 363 11.24 -16.45 -6.16
CA GLU A 363 11.32 -16.36 -6.14
C GLU A 363 10.66 -16.17 -4.78
N LEU A 364 10.23 -14.94 -4.49
CA LEU A 364 9.61 -14.67 -3.19
C LEU A 364 8.30 -15.43 -3.03
N ILE A 365 7.41 -15.36 -4.02
CA ILE A 365 6.14 -16.06 -3.92
C ILE A 365 6.37 -17.56 -3.77
N LYS A 366 7.35 -18.09 -4.49
CA LYS A 366 7.69 -19.50 -4.35
C LYS A 366 8.08 -19.82 -2.92
N GLU A 367 8.95 -18.99 -2.33
CA GLU A 367 9.33 -19.21 -0.93
C GLU A 367 8.11 -19.17 -0.01
N LEU A 368 7.20 -18.21 -0.22
CA LEU A 368 6.10 -18.05 0.71
C LEU A 368 5.02 -19.11 0.53
N THR A 369 4.91 -19.72 -0.65
CA THR A 369 3.79 -20.61 -0.94
C THR A 369 4.14 -22.09 -1.04
N GLU A 370 5.39 -22.43 -1.30
CA GLU A 370 5.71 -23.84 -1.54
C GLU A 370 5.42 -24.66 -0.29
N GLY A 371 4.71 -25.78 -0.49
CA GLY A 371 4.30 -26.62 0.63
C GLY A 371 3.02 -26.16 1.30
#